data_6HN1
#
_entry.id   6HN1
#
_cell.length_a   41.960
_cell.length_b   66.280
_cell.length_c   212.580
_cell.angle_alpha   90.00
_cell.angle_beta   90.00
_cell.angle_gamma   90.00
#
_symmetry.space_group_name_H-M   'P 21 21 21'
#
loop_
_entity.id
_entity.type
_entity.pdbx_description
1 polymer Albumin
2 non-polymer '2-[2,6-DICHLOROPHENYL)AMINO]BENZENEACETIC ACID'
3 non-polymer 'CHLORIDE ION'
4 water water
#
_entity_poly.entity_id   1
_entity_poly.type   'polypeptide(L)'
_entity_poly.pdbx_seq_one_letter_code
;DTHKSEIAHRFNDLGEENFQGLVLIAFSQYLQQCPFDEHVKLVKELTEFAKTCVADESHAGCDKSLHTLFGDELCKVATL
RETYGDMADCCEKQEPERNECFLKHKDDSPDLPKLKPEPDTLCAEFKADEKKFWGKYLYEVARRHPYFYAPELLYYANKY
NGVFQECCQAEDKGACLLPKIETMREKVLASSARQRLRCASIQKFGERALKAWSVARLSQKFPKADFTDVTKIVTDLTKV
HKECCHGDLLECADDRADLAKYICDHQDTLSSKLKECCDKPVLEKSHCIAEIDKDAVPENLPPLTADFAEDKEVCKNYQE
AKDVFLGSFLYEYSRRHPEYAVSVLLRLAKEYEATLEDCCAKEDPHACYATVFDKLKHLVDEPQNLIKKNCELFEKHGEY
GFQNALIVRYTRKAPQVSTPTLVEISRSLGKVGTKCCAKPESERMPCTEDYLSLILNRLCVLHEKTPVSEKVTKCCTESL
VNRRPCFSDLTLDETYVPKPFDGESFTFHADICTLPDTEKQIKKQTALVELLKHKPKATDEQLKTVMENFVAFVDKCCAA
DDKEGCFLLEGPKLVASTQAALA
;
_entity_poly.pdbx_strand_id   A
#
loop_
_chem_comp.id
_chem_comp.type
_chem_comp.name
_chem_comp.formula
CL non-polymer 'CHLORIDE ION' 'Cl -1'
DIF non-polymer '2-[2,6-DICHLOROPHENYL)AMINO]BENZENEACETIC ACID' 'C14 H11 Cl2 N O2'
#
# COMPACT_ATOMS: atom_id res chain seq x y z
N ASP A 1 1.83 -22.53 -15.45
CA ASP A 1 2.12 -23.10 -16.81
C ASP A 1 1.04 -22.67 -17.79
N THR A 2 1.34 -22.76 -19.07
CA THR A 2 0.36 -22.38 -20.13
C THR A 2 -0.22 -23.58 -20.89
N HIS A 3 -1.47 -23.41 -21.34
CA HIS A 3 -2.19 -24.38 -22.11
C HIS A 3 -2.55 -23.71 -23.44
N LYS A 4 -2.88 -24.58 -24.43
CA LYS A 4 -3.29 -24.15 -25.74
C LYS A 4 -4.46 -23.20 -25.61
N SER A 5 -5.40 -23.57 -24.74
CA SER A 5 -6.61 -22.69 -24.48
C SER A 5 -6.54 -22.21 -23.06
N GLU A 6 -5.95 -21.07 -22.93
CA GLU A 6 -5.81 -20.49 -21.61
C GLU A 6 -7.17 -20.22 -20.92
N ILE A 7 -8.17 -19.78 -21.72
CA ILE A 7 -9.48 -19.52 -21.14
C ILE A 7 -10.09 -20.78 -20.48
N ALA A 8 -10.04 -21.90 -21.22
CA ALA A 8 -10.46 -23.20 -20.63
C ALA A 8 -9.59 -23.63 -19.46
N HIS A 9 -8.26 -23.53 -19.63
CA HIS A 9 -7.36 -23.90 -18.54
C HIS A 9 -7.78 -23.21 -17.22
N ARG A 10 -7.95 -21.90 -17.23
CA ARG A 10 -8.22 -21.14 -15.97
C ARG A 10 -9.68 -21.38 -15.53
N PHE A 11 -10.62 -21.43 -16.45
CA PHE A 11 -12.00 -21.80 -16.04
C PHE A 11 -12.06 -23.15 -15.32
N ASN A 12 -11.42 -24.18 -15.96
CA ASN A 12 -11.24 -25.50 -15.29
C ASN A 12 -10.58 -25.46 -13.93
N ASP A 13 -9.46 -24.77 -13.83
CA ASP A 13 -8.72 -24.67 -12.58
C ASP A 13 -9.38 -23.87 -11.44
N LEU A 14 -10.13 -22.80 -11.82
CA LEU A 14 -10.60 -21.85 -10.83
C LEU A 14 -12.06 -22.11 -10.46
N GLY A 15 -12.75 -22.74 -11.40
CA GLY A 15 -14.23 -22.92 -11.41
C GLY A 15 -14.95 -21.64 -11.67
N GLU A 16 -16.25 -21.80 -12.00
CA GLU A 16 -16.97 -20.65 -12.46
C GLU A 16 -17.10 -19.44 -11.47
N GLU A 17 -17.35 -19.63 -10.16
CA GLU A 17 -17.54 -18.49 -9.25
C GLU A 17 -16.30 -17.60 -9.23
N ASN A 18 -15.15 -18.28 -8.98
CA ASN A 18 -13.91 -17.53 -8.87
C ASN A 18 -13.40 -16.93 -10.17
N PHE A 19 -13.59 -17.66 -11.28
CA PHE A 19 -13.36 -17.17 -12.63
C PHE A 19 -14.12 -15.83 -12.88
N GLN A 20 -15.42 -15.87 -12.63
CA GLN A 20 -16.28 -14.68 -12.78
C GLN A 20 -15.90 -13.49 -11.92
N GLY A 21 -15.62 -13.76 -10.66
CA GLY A 21 -15.14 -12.73 -9.72
C GLY A 21 -13.85 -12.07 -10.18
N LEU A 22 -12.89 -12.91 -10.55
CA LEU A 22 -11.64 -12.42 -11.06
C LEU A 22 -11.72 -11.58 -12.33
N VAL A 23 -12.58 -12.00 -13.25
CA VAL A 23 -12.75 -11.27 -14.47
C VAL A 23 -13.41 -9.89 -14.19
N LEU A 24 -14.39 -9.87 -13.28
CA LEU A 24 -15.03 -8.63 -12.80
C LEU A 24 -14.02 -7.74 -12.13
N ILE A 25 -13.12 -8.28 -11.30
CA ILE A 25 -12.10 -7.42 -10.72
C ILE A 25 -11.25 -6.86 -11.84
N ALA A 26 -10.87 -7.69 -12.83
CA ALA A 26 -10.00 -7.19 -13.94
C ALA A 26 -10.62 -5.97 -14.63
N PHE A 27 -11.90 -6.09 -14.99
CA PHE A 27 -12.58 -5.05 -15.71
C PHE A 27 -12.77 -3.78 -14.87
N SER A 28 -13.06 -3.94 -13.59
CA SER A 28 -13.18 -2.85 -12.62
C SER A 28 -11.92 -2.05 -12.41
N GLN A 29 -10.81 -2.75 -12.49
CA GLN A 29 -9.53 -2.09 -12.32
C GLN A 29 -8.99 -1.40 -13.60
N TYR A 30 -9.27 -1.99 -14.79
CA TYR A 30 -8.94 -1.43 -16.09
C TYR A 30 -9.85 -0.19 -16.31
N LEU A 31 -11.13 -0.31 -15.96
CA LEU A 31 -12.11 0.69 -16.33
C LEU A 31 -12.90 1.07 -15.12
N GLN A 32 -12.29 1.97 -14.36
CA GLN A 32 -12.76 2.32 -13.03
C GLN A 32 -13.93 3.25 -12.97
N GLN A 33 -14.23 3.92 -14.07
CA GLN A 33 -15.36 4.89 -14.14
C GLN A 33 -16.63 4.20 -14.74
N CYS A 34 -16.52 2.98 -15.26
CA CYS A 34 -17.64 2.32 -15.94
C CYS A 34 -18.63 1.73 -14.95
N PRO A 35 -19.91 1.68 -15.36
CA PRO A 35 -20.88 1.22 -14.40
C PRO A 35 -20.83 -0.29 -14.19
N PHE A 36 -21.32 -0.72 -13.01
CA PHE A 36 -21.44 -2.10 -12.64
C PHE A 36 -22.12 -3.01 -13.69
N ASP A 37 -23.28 -2.59 -14.22
CA ASP A 37 -24.04 -3.45 -15.06
C ASP A 37 -23.34 -3.76 -16.43
N GLU A 38 -22.48 -2.83 -16.90
CA GLU A 38 -21.79 -2.98 -18.18
C GLU A 38 -20.64 -3.95 -18.00
N HIS A 39 -20.10 -3.92 -16.80
CA HIS A 39 -19.05 -4.89 -16.50
C HIS A 39 -19.55 -6.28 -16.38
N VAL A 40 -20.68 -6.43 -15.71
CA VAL A 40 -21.34 -7.69 -15.56
C VAL A 40 -21.64 -8.30 -16.91
N LYS A 41 -22.16 -7.53 -17.86
CA LYS A 41 -22.47 -8.09 -19.17
C LYS A 41 -21.25 -8.67 -19.90
N LEU A 42 -20.10 -8.02 -19.77
CA LEU A 42 -18.84 -8.50 -20.42
C LEU A 42 -18.39 -9.73 -19.68
N VAL A 43 -18.54 -9.73 -18.35
CA VAL A 43 -18.04 -10.93 -17.64
C VAL A 43 -18.82 -12.18 -18.09
N LYS A 44 -20.15 -12.00 -18.25
CA LYS A 44 -21.05 -13.08 -18.68
C LYS A 44 -20.72 -13.61 -20.06
N GLU A 45 -20.47 -12.69 -20.98
CA GLU A 45 -20.01 -13.06 -22.29
C GLU A 45 -18.80 -13.96 -22.28
N LEU A 46 -17.79 -13.52 -21.55
CA LEU A 46 -16.54 -14.20 -21.50
C LEU A 46 -16.71 -15.53 -20.83
N THR A 47 -17.50 -15.57 -19.76
CA THR A 47 -17.85 -16.82 -19.06
C THR A 47 -18.49 -17.84 -19.99
N GLU A 48 -19.46 -17.34 -20.71
CA GLU A 48 -20.12 -18.19 -21.71
C GLU A 48 -19.16 -18.67 -22.78
N PHE A 49 -18.26 -17.80 -23.22
CA PHE A 49 -17.21 -18.22 -24.15
C PHE A 49 -16.28 -19.26 -23.50
N ALA A 50 -15.90 -19.03 -22.25
CA ALA A 50 -15.09 -20.02 -21.52
C ALA A 50 -15.67 -21.42 -21.59
N LYS A 51 -16.96 -21.52 -21.31
CA LYS A 51 -17.62 -22.78 -21.28
C LYS A 51 -17.67 -23.49 -22.60
N THR A 52 -17.76 -22.70 -23.66
CA THR A 52 -17.69 -23.20 -25.04
C THR A 52 -16.34 -23.86 -25.37
N CYS A 53 -15.27 -23.22 -24.87
CA CYS A 53 -13.90 -23.69 -25.12
C CYS A 53 -13.56 -24.89 -24.26
N VAL A 54 -14.21 -25.03 -23.13
CA VAL A 54 -13.96 -26.17 -22.25
C VAL A 54 -14.52 -27.37 -22.95
N ALA A 55 -15.72 -27.17 -23.49
CA ALA A 55 -16.40 -28.30 -24.13
C ALA A 55 -15.80 -28.69 -25.44
N ASP A 56 -15.28 -27.71 -26.15
CA ASP A 56 -14.63 -27.97 -27.38
C ASP A 56 -13.52 -26.94 -27.59
N GLU A 57 -12.30 -27.34 -27.22
CA GLU A 57 -11.15 -26.43 -27.30
C GLU A 57 -10.74 -26.06 -28.75
N SER A 58 -11.25 -26.81 -29.76
CA SER A 58 -10.99 -26.52 -31.17
C SER A 58 -11.87 -25.38 -31.74
N HIS A 59 -12.80 -24.89 -30.92
CA HIS A 59 -13.74 -23.93 -31.30
C HIS A 59 -13.02 -22.64 -31.54
N ALA A 60 -13.47 -21.94 -32.56
CA ALA A 60 -12.81 -20.72 -33.05
C ALA A 60 -12.57 -19.70 -31.93
N GLY A 61 -11.33 -19.19 -31.84
CA GLY A 61 -10.94 -18.20 -30.83
C GLY A 61 -10.47 -18.74 -29.48
N CYS A 62 -10.62 -20.05 -29.26
CA CYS A 62 -10.33 -20.60 -27.94
C CYS A 62 -8.85 -20.64 -27.63
N ASP A 63 -7.98 -20.61 -28.67
CA ASP A 63 -6.54 -20.51 -28.46
C ASP A 63 -5.99 -19.08 -28.35
N LYS A 64 -6.87 -18.06 -28.32
CA LYS A 64 -6.42 -16.68 -28.13
C LYS A 64 -5.80 -16.47 -26.71
N SER A 65 -4.91 -15.50 -26.55
CA SER A 65 -4.47 -15.13 -25.21
C SER A 65 -5.59 -14.47 -24.42
N LEU A 66 -5.43 -14.52 -23.11
CA LEU A 66 -6.35 -13.86 -22.21
C LEU A 66 -6.44 -12.32 -22.49
N HIS A 67 -5.29 -11.69 -22.75
CA HIS A 67 -5.26 -10.25 -23.05
C HIS A 67 -6.09 -9.92 -24.27
N THR A 68 -5.87 -10.69 -25.34
CA THR A 68 -6.76 -10.58 -26.54
C THR A 68 -8.24 -10.64 -26.17
N LEU A 69 -8.62 -11.69 -25.45
CA LEU A 69 -10.03 -11.89 -25.08
C LEU A 69 -10.55 -10.78 -24.14
N PHE A 70 -9.75 -10.42 -23.15
CA PHE A 70 -10.10 -9.31 -22.26
C PHE A 70 -10.25 -8.05 -23.12
N GLY A 71 -9.22 -7.68 -23.89
CA GLY A 71 -9.16 -6.43 -24.61
C GLY A 71 -10.30 -6.30 -25.59
N ASP A 72 -10.55 -7.35 -26.42
CA ASP A 72 -11.66 -7.25 -27.41
C ASP A 72 -12.98 -6.85 -26.71
N GLU A 73 -13.24 -7.43 -25.53
CA GLU A 73 -14.41 -7.12 -24.69
C GLU A 73 -14.40 -5.70 -24.13
N LEU A 74 -13.25 -5.23 -23.65
CA LEU A 74 -13.12 -3.82 -23.23
C LEU A 74 -13.42 -2.83 -24.36
N CYS A 75 -13.16 -3.25 -25.60
CA CYS A 75 -13.31 -2.41 -26.81
C CYS A 75 -14.67 -2.45 -27.49
N LYS A 76 -15.53 -3.36 -27.05
CA LYS A 76 -16.96 -3.22 -27.27
C LYS A 76 -17.47 -1.89 -26.71
N VAL A 77 -16.97 -1.47 -25.53
CA VAL A 77 -17.50 -0.25 -24.83
C VAL A 77 -17.25 1.04 -25.65
N ALA A 78 -18.36 1.62 -26.13
CA ALA A 78 -18.41 2.90 -26.86
C ALA A 78 -17.84 4.08 -26.08
N THR A 79 -18.28 4.18 -24.81
CA THR A 79 -17.97 5.30 -23.90
C THR A 79 -16.49 5.38 -23.54
N LEU A 80 -15.71 4.37 -23.90
CA LEU A 80 -14.28 4.40 -23.69
C LEU A 80 -13.69 5.73 -24.19
N ARG A 81 -14.18 6.15 -25.34
CA ARG A 81 -13.91 7.47 -25.92
C ARG A 81 -14.27 8.61 -24.94
N GLU A 82 -15.57 8.74 -24.62
CA GLU A 82 -16.06 9.82 -23.75
C GLU A 82 -15.49 9.77 -22.33
N THR A 83 -15.56 8.60 -21.68
CA THR A 83 -15.22 8.47 -20.24
C THR A 83 -13.71 8.45 -19.93
N TYR A 84 -12.84 8.24 -20.93
CA TYR A 84 -11.39 8.09 -20.66
C TYR A 84 -10.41 8.96 -21.46
N GLY A 85 -10.90 9.63 -22.51
CA GLY A 85 -10.04 10.45 -23.35
C GLY A 85 -9.12 9.58 -24.20
N ASP A 86 -7.81 9.71 -23.96
CA ASP A 86 -6.79 9.09 -24.83
C ASP A 86 -6.49 7.60 -24.53
N MET A 87 -7.43 6.93 -23.86
CA MET A 87 -7.31 5.53 -23.57
C MET A 87 -8.02 4.67 -24.64
N ALA A 88 -9.07 5.21 -25.26
CA ALA A 88 -9.70 4.57 -26.43
C ALA A 88 -8.75 4.54 -27.64
N ASP A 89 -7.60 5.20 -27.49
CA ASP A 89 -6.42 4.98 -28.35
C ASP A 89 -5.68 3.65 -28.01
N CYS A 90 -5.90 3.08 -26.82
CA CYS A 90 -5.55 1.67 -26.50
C CYS A 90 -6.35 0.77 -27.46
N CYS A 91 -7.66 0.99 -27.52
CA CYS A 91 -8.59 0.23 -28.43
C CYS A 91 -8.30 0.36 -29.93
N GLU A 92 -7.93 1.57 -30.35
CA GLU A 92 -7.32 1.81 -31.66
C GLU A 92 -6.10 0.88 -31.88
N LYS A 93 -5.32 0.64 -30.83
CA LYS A 93 -4.16 -0.25 -30.91
C LYS A 93 -4.61 -1.69 -30.81
N GLN A 94 -3.69 -2.58 -31.18
CA GLN A 94 -3.85 -4.02 -31.05
C GLN A 94 -2.84 -4.48 -29.99
N GLU A 95 -2.98 -5.74 -29.56
CA GLU A 95 -2.01 -6.37 -28.66
C GLU A 95 -0.69 -6.51 -29.37
N PRO A 96 0.43 -6.58 -28.62
CA PRO A 96 0.44 -6.53 -27.14
C PRO A 96 0.50 -5.13 -26.57
N GLU A 97 0.40 -4.13 -27.45
CA GLU A 97 0.57 -2.76 -27.06
C GLU A 97 -0.69 -2.32 -26.32
N ARG A 98 -1.84 -2.87 -26.76
CA ARG A 98 -3.15 -2.45 -26.25
C ARG A 98 -3.32 -2.67 -24.75
N ASN A 99 -2.86 -3.82 -24.28
CA ASN A 99 -2.97 -4.23 -22.92
C ASN A 99 -2.09 -3.35 -22.08
N GLU A 100 -0.88 -3.14 -22.56
CA GLU A 100 0.03 -2.19 -21.91
C GLU A 100 -0.58 -0.80 -21.76
N CYS A 101 -1.24 -0.33 -22.79
CA CYS A 101 -1.90 0.96 -22.74
C CYS A 101 -2.99 1.05 -21.64
N PHE A 102 -3.81 0.02 -21.57
CA PHE A 102 -4.89 -0.10 -20.57
C PHE A 102 -4.29 -0.08 -19.16
N LEU A 103 -3.24 -0.88 -18.95
CA LEU A 103 -2.55 -0.93 -17.66
C LEU A 103 -2.05 0.43 -17.20
N LYS A 104 -1.45 1.17 -18.14
CA LYS A 104 -0.95 2.51 -17.86
C LYS A 104 -2.02 3.46 -17.42
N HIS A 105 -3.31 3.21 -17.63
CA HIS A 105 -4.31 4.19 -17.24
C HIS A 105 -5.04 3.86 -15.95
N LYS A 106 -4.52 2.89 -15.20
CA LYS A 106 -5.02 2.68 -13.85
C LYS A 106 -4.73 3.92 -13.07
N ASP A 107 -5.68 4.31 -12.21
CA ASP A 107 -5.69 5.58 -11.51
C ASP A 107 -5.68 5.33 -10.04
N ASP A 108 -4.57 5.71 -9.43
CA ASP A 108 -4.45 5.49 -8.00
C ASP A 108 -5.31 6.42 -7.17
N SER A 109 -5.91 7.47 -7.72
CA SER A 109 -6.75 8.34 -6.85
C SER A 109 -7.97 8.69 -7.71
N PRO A 110 -8.77 7.68 -8.00
CA PRO A 110 -9.89 7.87 -8.97
C PRO A 110 -10.97 8.84 -8.52
N ASP A 111 -11.08 9.11 -7.23
CA ASP A 111 -12.10 10.10 -6.85
C ASP A 111 -13.47 9.69 -7.34
N LEU A 112 -13.82 8.64 -6.70
CA LEU A 112 -15.17 8.22 -6.69
C LEU A 112 -15.69 8.63 -5.36
N PRO A 113 -16.99 8.56 -5.18
CA PRO A 113 -17.60 8.92 -3.93
C PRO A 113 -17.13 8.05 -2.78
N LYS A 114 -16.93 8.70 -1.63
CA LYS A 114 -16.78 8.00 -0.36
C LYS A 114 -17.99 7.14 -0.11
N LEU A 115 -17.73 5.85 0.13
CA LEU A 115 -18.72 4.84 0.43
C LEU A 115 -19.16 4.99 1.87
N LYS A 116 -20.47 4.90 2.07
CA LYS A 116 -21.06 4.99 3.41
C LYS A 116 -22.03 3.83 3.61
N PRO A 117 -21.85 3.07 4.70
CA PRO A 117 -22.76 1.97 4.96
C PRO A 117 -24.17 2.47 5.37
N GLU A 118 -25.14 1.97 4.63
CA GLU A 118 -26.54 2.25 4.97
C GLU A 118 -27.24 0.88 5.23
N PRO A 119 -27.35 0.49 6.53
CA PRO A 119 -27.77 -0.88 6.91
C PRO A 119 -29.07 -1.41 6.27
N ASP A 120 -30.10 -0.56 6.21
CA ASP A 120 -31.37 -1.01 5.65
C ASP A 120 -31.24 -1.26 4.15
N THR A 121 -30.58 -0.36 3.44
CA THR A 121 -30.40 -0.50 1.99
C THR A 121 -29.61 -1.79 1.67
N LEU A 122 -28.48 -1.92 2.36
CA LEU A 122 -27.58 -3.04 2.17
C LEU A 122 -28.26 -4.36 2.46
N CYS A 123 -28.98 -4.42 3.58
CA CYS A 123 -29.71 -5.64 3.91
C CYS A 123 -30.75 -6.04 2.87
N ALA A 124 -31.44 -5.06 2.29
CA ALA A 124 -32.41 -5.31 1.24
C ALA A 124 -31.77 -5.82 -0.06
N GLU A 125 -30.59 -5.32 -0.40
CA GLU A 125 -29.87 -5.83 -1.61
C GLU A 125 -29.35 -7.24 -1.42
N PHE A 126 -28.94 -7.51 -0.19
CA PHE A 126 -28.52 -8.84 0.17
C PHE A 126 -29.65 -9.85 0.01
N LYS A 127 -30.86 -9.42 0.44
CA LYS A 127 -32.03 -10.25 0.39
C LYS A 127 -32.34 -10.50 -1.03
N ALA A 128 -32.43 -9.40 -1.77
CA ALA A 128 -32.84 -9.45 -3.19
C ALA A 128 -31.96 -10.43 -3.97
N ASP A 129 -30.61 -10.37 -3.82
CA ASP A 129 -29.77 -11.16 -4.68
C ASP A 129 -28.35 -11.15 -4.07
N GLU A 130 -28.03 -12.19 -3.34
CA GLU A 130 -26.70 -12.37 -2.73
C GLU A 130 -25.56 -12.37 -3.68
N LYS A 131 -25.73 -12.91 -4.89
CA LYS A 131 -24.57 -12.99 -5.81
C LYS A 131 -24.29 -11.58 -6.32
N LYS A 132 -25.36 -10.86 -6.70
CA LYS A 132 -25.16 -9.50 -7.18
C LYS A 132 -24.48 -8.65 -6.12
N PHE A 133 -24.86 -8.86 -4.88
CA PHE A 133 -24.43 -8.11 -3.74
C PHE A 133 -22.92 -8.35 -3.53
N TRP A 134 -22.52 -9.61 -3.70
CA TRP A 134 -21.06 -10.02 -3.68
C TRP A 134 -20.27 -9.38 -4.79
N GLY A 135 -20.83 -9.41 -6.00
CA GLY A 135 -20.27 -8.81 -7.16
C GLY A 135 -20.10 -7.34 -6.98
N LYS A 136 -21.13 -6.70 -6.43
CA LYS A 136 -21.08 -5.27 -6.24
C LYS A 136 -19.95 -4.82 -5.31
N TYR A 137 -19.68 -5.63 -4.27
CA TYR A 137 -18.53 -5.45 -3.37
C TYR A 137 -17.17 -5.49 -4.12
N LEU A 138 -16.98 -6.57 -4.90
CA LEU A 138 -15.77 -6.74 -5.71
C LEU A 138 -15.58 -5.54 -6.59
N TYR A 139 -16.68 -5.14 -7.27
CA TYR A 139 -16.61 -3.95 -8.11
C TYR A 139 -16.24 -2.64 -7.39
N GLU A 140 -16.96 -2.29 -6.34
CA GLU A 140 -16.69 -1.06 -5.63
C GLU A 140 -15.27 -1.02 -5.04
N VAL A 141 -14.77 -2.12 -4.44
CA VAL A 141 -13.40 -2.09 -3.85
C VAL A 141 -12.35 -1.99 -4.96
N ALA A 142 -12.45 -2.90 -5.90
CA ALA A 142 -11.49 -3.03 -7.03
C ALA A 142 -11.31 -1.76 -7.79
N ARG A 143 -12.42 -1.07 -8.11
CA ARG A 143 -12.26 0.15 -8.83
C ARG A 143 -11.58 1.31 -8.02
N ARG A 144 -11.62 1.26 -6.70
CA ARG A 144 -10.99 2.27 -5.82
C ARG A 144 -9.53 1.90 -5.56
N HIS A 145 -9.22 0.61 -5.71
CA HIS A 145 -7.87 0.08 -5.45
C HIS A 145 -7.45 -0.80 -6.65
N PRO A 146 -6.94 -0.16 -7.74
CA PRO A 146 -6.75 -0.87 -9.05
C PRO A 146 -5.56 -1.85 -9.08
N TYR A 147 -4.81 -1.90 -7.99
CA TYR A 147 -3.85 -2.95 -7.74
C TYR A 147 -4.16 -3.82 -6.55
N PHE A 148 -5.38 -3.80 -6.04
CA PHE A 148 -5.76 -4.73 -4.99
C PHE A 148 -5.44 -6.19 -5.41
N TYR A 149 -4.83 -6.98 -4.47
CA TYR A 149 -4.43 -8.37 -4.69
C TYR A 149 -5.78 -9.15 -4.95
N ALA A 150 -5.93 -9.71 -6.14
CA ALA A 150 -7.30 -10.03 -6.63
C ALA A 150 -7.83 -11.26 -5.88
N PRO A 151 -7.02 -12.36 -5.64
CA PRO A 151 -7.65 -13.50 -4.93
C PRO A 151 -7.97 -13.21 -3.44
N GLU A 152 -7.23 -12.28 -2.85
CA GLU A 152 -7.49 -11.81 -1.48
CA GLU A 152 -7.51 -11.81 -1.52
C GLU A 152 -8.83 -11.05 -1.46
N LEU A 153 -9.12 -10.30 -2.51
CA LEU A 153 -10.40 -9.58 -2.62
C LEU A 153 -11.56 -10.57 -2.65
N LEU A 154 -11.39 -11.71 -3.30
CA LEU A 154 -12.43 -12.78 -3.29
C LEU A 154 -12.71 -13.26 -1.86
N TYR A 155 -11.65 -13.38 -1.05
CA TYR A 155 -11.76 -13.83 0.35
C TYR A 155 -12.59 -12.76 1.15
N TYR A 156 -12.28 -11.51 0.90
CA TYR A 156 -12.91 -10.38 1.58
C TYR A 156 -14.38 -10.27 1.19
N ALA A 157 -14.65 -10.54 -0.07
CA ALA A 157 -16.11 -10.58 -0.57
C ALA A 157 -16.89 -11.64 0.15
N ASN A 158 -16.26 -12.81 0.32
CA ASN A 158 -16.91 -13.86 1.16
C ASN A 158 -17.14 -13.45 2.64
N LYS A 159 -16.15 -12.82 3.26
CA LYS A 159 -16.36 -12.25 4.61
C LYS A 159 -17.45 -11.18 4.70
N TYR A 160 -17.52 -10.31 3.69
CA TYR A 160 -18.51 -9.27 3.58
C TYR A 160 -19.89 -9.86 3.54
N ASN A 161 -20.06 -10.87 2.66
CA ASN A 161 -21.36 -11.53 2.61
C ASN A 161 -21.75 -12.19 3.94
N GLY A 162 -20.78 -12.76 4.63
CA GLY A 162 -20.95 -13.26 5.98
C GLY A 162 -21.40 -12.27 7.05
N VAL A 163 -20.94 -11.03 6.96
CA VAL A 163 -21.39 -9.97 7.90
C VAL A 163 -22.93 -9.80 7.82
N PHE A 164 -23.42 -9.82 6.60
CA PHE A 164 -24.89 -9.67 6.34
C PHE A 164 -25.77 -10.95 6.56
N GLN A 165 -25.23 -12.14 6.23
CA GLN A 165 -25.73 -13.36 6.90
C GLN A 165 -26.00 -13.15 8.42
N GLU A 166 -24.99 -12.79 9.19
CA GLU A 166 -25.15 -12.56 10.63
C GLU A 166 -26.19 -11.45 10.96
N CYS A 167 -26.00 -10.27 10.38
CA CYS A 167 -26.63 -9.03 10.92
C CYS A 167 -28.00 -8.66 10.42
N CYS A 168 -28.41 -9.18 9.25
CA CYS A 168 -29.62 -8.66 8.62
C CYS A 168 -30.94 -9.15 9.24
N GLN A 169 -30.91 -10.35 9.80
CA GLN A 169 -32.03 -10.89 10.55
C GLN A 169 -31.96 -10.47 12.02
N ALA A 170 -30.85 -9.84 12.44
CA ALA A 170 -30.77 -9.22 13.77
C ALA A 170 -31.78 -8.09 13.88
N GLU A 171 -32.30 -7.91 15.08
CA GLU A 171 -33.29 -6.88 15.35
C GLU A 171 -32.68 -5.52 15.00
N ASP A 172 -31.58 -5.18 15.67
CA ASP A 172 -30.88 -3.90 15.40
C ASP A 172 -29.71 -4.10 14.44
N LYS A 173 -29.83 -3.53 13.24
CA LYS A 173 -29.05 -3.97 12.09
C LYS A 173 -27.68 -3.32 12.03
N GLY A 174 -27.71 -1.99 12.11
CA GLY A 174 -26.54 -1.13 12.09
C GLY A 174 -25.67 -1.40 13.30
N ALA A 175 -26.27 -1.59 14.47
CA ALA A 175 -25.52 -1.99 15.67
C ALA A 175 -24.67 -3.21 15.44
N CYS A 176 -25.22 -4.16 14.69
CA CYS A 176 -24.50 -5.38 14.38
C CYS A 176 -23.44 -5.15 13.29
N LEU A 177 -23.82 -4.50 12.19
CA LEU A 177 -22.96 -4.51 10.99
C LEU A 177 -21.99 -3.33 10.82
N LEU A 178 -22.38 -2.16 11.32
CA LEU A 178 -21.48 -0.98 11.20
C LEU A 178 -20.06 -1.18 11.78
N PRO A 179 -19.98 -1.70 12.99
CA PRO A 179 -18.62 -1.96 13.49
C PRO A 179 -17.88 -3.08 12.76
N LYS A 180 -18.62 -4.07 12.27
CA LYS A 180 -17.99 -5.17 11.45
C LYS A 180 -17.32 -4.62 10.17
N ILE A 181 -18.06 -3.74 9.52
CA ILE A 181 -17.66 -3.09 8.28
C ILE A 181 -16.50 -2.16 8.52
N GLU A 182 -16.53 -1.42 9.60
CA GLU A 182 -15.42 -0.57 10.01
C GLU A 182 -14.14 -1.37 10.19
N THR A 183 -14.22 -2.45 10.95
CA THR A 183 -13.10 -3.35 11.15
C THR A 183 -12.53 -3.93 9.84
N MET A 184 -13.40 -4.50 9.03
CA MET A 184 -13.08 -5.02 7.68
C MET A 184 -12.45 -3.94 6.83
N ARG A 185 -13.03 -2.74 6.85
CA ARG A 185 -12.44 -1.61 6.10
C ARG A 185 -10.95 -1.34 6.37
N GLU A 186 -10.61 -1.20 7.63
CA GLU A 186 -9.22 -0.94 8.00
C GLU A 186 -8.34 -2.12 7.48
N LYS A 187 -8.84 -3.35 7.56
CA LYS A 187 -8.04 -4.52 7.11
C LYS A 187 -7.87 -4.55 5.56
N VAL A 188 -8.95 -4.27 4.81
CA VAL A 188 -8.89 -4.14 3.41
C VAL A 188 -7.99 -3.02 2.98
N LEU A 189 -8.05 -1.88 3.68
CA LEU A 189 -7.23 -0.77 3.26
C LEU A 189 -5.72 -1.10 3.52
N ALA A 190 -5.46 -1.86 4.55
CA ALA A 190 -4.06 -2.24 4.85
C ALA A 190 -3.55 -3.18 3.82
N SER A 191 -4.35 -4.20 3.53
CA SER A 191 -4.08 -5.10 2.46
C SER A 191 -3.81 -4.37 1.18
N SER A 192 -4.66 -3.43 0.75
CA SER A 192 -4.39 -2.67 -0.50
C SER A 192 -3.03 -1.94 -0.50
N ALA A 193 -2.69 -1.35 0.62
CA ALA A 193 -1.41 -0.66 0.77
C ALA A 193 -0.20 -1.62 0.65
N ARG A 194 -0.30 -2.76 1.30
CA ARG A 194 0.82 -3.74 1.23
C ARG A 194 0.93 -4.21 -0.23
N GLN A 195 -0.18 -4.46 -0.91
CA GLN A 195 -0.06 -4.90 -2.31
C GLN A 195 0.47 -3.78 -3.23
N ARG A 196 0.07 -2.53 -2.95
CA ARG A 196 0.48 -1.41 -3.77
C ARG A 196 2.02 -1.21 -3.72
N LEU A 197 2.56 -1.51 -2.54
CA LEU A 197 4.02 -1.55 -2.36
C LEU A 197 4.67 -2.65 -3.13
N ARG A 198 4.12 -3.87 -3.05
CA ARG A 198 4.64 -4.98 -3.84
C ARG A 198 4.68 -4.63 -5.31
N CYS A 199 3.57 -4.06 -5.75
CA CYS A 199 3.53 -3.73 -7.20
C CYS A 199 4.49 -2.58 -7.61
N ALA A 200 4.62 -1.57 -6.75
CA ALA A 200 5.63 -0.53 -6.93
C ALA A 200 7.09 -1.12 -7.01
N SER A 201 7.34 -2.11 -6.19
CA SER A 201 8.66 -2.70 -6.04
C SER A 201 9.02 -3.35 -7.42
N ILE A 202 8.11 -4.13 -8.01
CA ILE A 202 8.35 -4.74 -9.28
C ILE A 202 8.31 -3.73 -10.48
N GLN A 203 7.30 -2.87 -10.51
CA GLN A 203 7.15 -1.94 -11.56
C GLN A 203 8.22 -0.89 -11.65
N LYS A 204 8.63 -0.29 -10.51
CA LYS A 204 9.56 0.80 -10.51
C LYS A 204 11.00 0.38 -10.21
N PHE A 205 11.19 -0.77 -9.56
CA PHE A 205 12.54 -1.23 -9.12
C PHE A 205 12.95 -2.59 -9.65
N GLY A 206 12.10 -3.23 -10.42
CA GLY A 206 12.44 -4.47 -11.09
C GLY A 206 12.10 -5.73 -10.29
N GLU A 207 12.11 -6.83 -11.03
CA GLU A 207 11.78 -8.12 -10.48
C GLU A 207 12.74 -8.45 -9.32
N ARG A 208 14.01 -8.03 -9.40
CA ARG A 208 15.02 -8.37 -8.40
C ARG A 208 14.66 -7.77 -7.02
N ALA A 209 14.10 -6.55 -7.03
CA ALA A 209 13.60 -5.93 -5.81
C ALA A 209 12.46 -6.74 -5.17
N LEU A 210 11.53 -7.20 -5.99
CA LEU A 210 10.43 -8.03 -5.47
C LEU A 210 10.91 -9.37 -4.92
N LYS A 211 11.92 -9.95 -5.57
CA LYS A 211 12.56 -11.18 -5.08
C LYS A 211 13.25 -10.98 -3.77
N ALA A 212 13.94 -9.86 -3.66
CA ALA A 212 14.65 -9.47 -2.39
C ALA A 212 13.69 -9.31 -1.26
N TRP A 213 12.58 -8.62 -1.56
CA TRP A 213 11.58 -8.42 -0.52
C TRP A 213 11.00 -9.75 -0.08
N SER A 214 10.73 -10.65 -1.07
CA SER A 214 10.12 -11.95 -0.82
CA SER A 214 10.12 -11.97 -0.83
C SER A 214 11.02 -12.86 -0.01
N VAL A 215 12.31 -12.83 -0.32
CA VAL A 215 13.21 -13.71 0.44
C VAL A 215 13.24 -13.29 1.93
N ALA A 216 13.29 -12.00 2.19
CA ALA A 216 13.30 -11.45 3.54
C ALA A 216 12.01 -11.81 4.33
N ARG A 217 10.87 -11.49 3.73
CA ARG A 217 9.58 -11.82 4.30
CA ARG A 217 9.61 -11.78 4.36
C ARG A 217 9.39 -13.29 4.63
N LEU A 218 9.67 -14.14 3.66
CA LEU A 218 9.44 -15.58 3.75
C LEU A 218 10.40 -16.19 4.75
N SER A 219 11.56 -15.56 4.91
CA SER A 219 12.55 -16.10 5.86
C SER A 219 12.21 -15.77 7.29
N GLN A 220 11.43 -14.70 7.52
CA GLN A 220 10.93 -14.42 8.83
C GLN A 220 9.74 -15.32 9.19
N LYS A 221 8.97 -15.75 8.15
CA LYS A 221 7.73 -16.58 8.38
C LYS A 221 8.14 -18.08 8.54
N PHE A 222 9.17 -18.51 7.76
CA PHE A 222 9.60 -19.89 7.69
C PHE A 222 11.11 -20.02 7.99
N PRO A 223 11.56 -19.45 9.07
CA PRO A 223 13.02 -19.41 9.30
C PRO A 223 13.72 -20.76 9.52
N LYS A 224 12.98 -21.79 9.93
CA LYS A 224 13.57 -23.13 10.12
C LYS A 224 13.78 -23.83 8.73
N ALA A 225 13.10 -23.37 7.69
CA ALA A 225 13.26 -24.01 6.38
C ALA A 225 14.64 -23.76 5.84
N ASP A 226 15.09 -24.65 4.91
CA ASP A 226 16.40 -24.49 4.29
C ASP A 226 16.35 -23.46 3.20
N PHE A 227 17.47 -22.94 2.80
CA PHE A 227 17.52 -21.93 1.79
C PHE A 227 17.01 -22.37 0.45
N THR A 228 17.26 -23.61 0.10
CA THR A 228 16.75 -24.13 -1.19
C THR A 228 15.20 -24.14 -1.21
N ASP A 229 14.59 -24.59 -0.13
CA ASP A 229 13.10 -24.47 -0.01
C ASP A 229 12.54 -23.05 0.06
N VAL A 230 13.22 -22.16 0.78
CA VAL A 230 12.72 -20.80 0.82
C VAL A 230 12.78 -20.20 -0.58
N THR A 231 13.91 -20.37 -1.23
CA THR A 231 14.15 -19.85 -2.56
C THR A 231 13.17 -20.44 -3.60
N LYS A 232 12.77 -21.73 -3.46
CA LYS A 232 11.70 -22.28 -4.32
C LYS A 232 10.41 -21.46 -4.16
N ILE A 233 10.03 -21.23 -2.91
CA ILE A 233 8.80 -20.48 -2.64
C ILE A 233 8.97 -19.03 -3.15
N VAL A 234 10.15 -18.42 -2.97
CA VAL A 234 10.39 -17.09 -3.53
C VAL A 234 10.11 -17.03 -5.05
N THR A 235 10.59 -18.02 -5.78
CA THR A 235 10.45 -18.09 -7.24
C THR A 235 8.94 -18.12 -7.54
N ASP A 236 8.23 -18.97 -6.84
CA ASP A 236 6.75 -19.13 -7.07
C ASP A 236 6.03 -17.86 -6.68
N LEU A 237 6.32 -17.32 -5.52
CA LEU A 237 5.60 -16.14 -5.04
C LEU A 237 5.85 -14.89 -5.91
N THR A 238 7.09 -14.80 -6.40
CA THR A 238 7.46 -13.77 -7.33
C THR A 238 6.65 -13.79 -8.66
N LYS A 239 6.40 -14.99 -9.16
CA LYS A 239 5.66 -15.21 -10.38
C LYS A 239 4.20 -14.78 -10.06
N VAL A 240 3.75 -15.15 -8.87
CA VAL A 240 2.36 -14.82 -8.49
C VAL A 240 2.14 -13.29 -8.51
N HIS A 241 2.95 -12.57 -7.76
CA HIS A 241 2.88 -11.11 -7.69
C HIS A 241 3.13 -10.43 -9.01
N LYS A 242 4.10 -10.91 -9.80
CA LYS A 242 4.29 -10.36 -11.14
CA LYS A 242 4.31 -10.39 -11.19
C LYS A 242 2.99 -10.42 -11.92
N GLU A 243 2.34 -11.57 -11.91
CA GLU A 243 1.06 -11.73 -12.61
C GLU A 243 0.00 -10.82 -12.09
N CYS A 244 -0.25 -10.83 -10.78
CA CYS A 244 -1.31 -10.00 -10.21
C CYS A 244 -0.99 -8.56 -10.48
N CYS A 245 0.27 -8.10 -10.28
CA CYS A 245 0.63 -6.64 -10.45
C CYS A 245 0.48 -6.15 -11.96
N HIS A 246 0.57 -7.12 -12.91
CA HIS A 246 0.49 -6.88 -14.35
C HIS A 246 -0.95 -7.03 -14.90
N GLY A 247 -1.86 -7.39 -14.01
CA GLY A 247 -3.29 -7.59 -14.32
C GLY A 247 -3.63 -8.96 -14.85
N ASP A 248 -2.71 -9.93 -14.72
CA ASP A 248 -2.89 -11.33 -15.18
C ASP A 248 -3.52 -12.08 -14.04
N LEU A 249 -4.78 -11.72 -13.71
CA LEU A 249 -5.41 -12.10 -12.41
C LEU A 249 -5.80 -13.57 -12.39
N LEU A 250 -6.21 -14.12 -13.57
CA LEU A 250 -6.58 -15.53 -13.59
C LEU A 250 -5.36 -16.44 -13.33
N GLU A 251 -4.26 -16.09 -13.97
CA GLU A 251 -3.02 -16.84 -13.77
C GLU A 251 -2.55 -16.65 -12.35
N CYS A 252 -2.54 -15.38 -11.86
CA CYS A 252 -2.18 -15.09 -10.46
C CYS A 252 -2.89 -15.99 -9.47
N ALA A 253 -4.22 -16.02 -9.58
CA ALA A 253 -4.99 -16.72 -8.58
C ALA A 253 -4.71 -18.27 -8.65
N ASP A 254 -4.53 -18.79 -9.86
CA ASP A 254 -4.34 -20.22 -10.08
C ASP A 254 -2.95 -20.60 -9.50
N ASP A 255 -1.97 -19.79 -9.81
CA ASP A 255 -0.59 -20.05 -9.30
C ASP A 255 -0.57 -19.88 -7.80
N ARG A 256 -1.36 -18.97 -7.26
CA ARG A 256 -1.44 -18.76 -5.85
C ARG A 256 -1.97 -19.96 -5.14
N ALA A 257 -3.08 -20.45 -5.66
CA ALA A 257 -3.64 -21.67 -5.13
C ALA A 257 -2.65 -22.86 -5.16
N ASP A 258 -1.99 -23.05 -6.27
CA ASP A 258 -0.87 -24.07 -6.32
C ASP A 258 0.20 -23.89 -5.28
N LEU A 259 0.57 -22.64 -5.07
CA LEU A 259 1.65 -22.38 -4.08
C LEU A 259 1.12 -22.64 -2.64
N ALA A 260 -0.16 -22.28 -2.37
CA ALA A 260 -0.78 -22.63 -1.05
C ALA A 260 -0.79 -24.15 -0.77
N LYS A 261 -1.07 -24.94 -1.80
CA LYS A 261 -1.10 -26.38 -1.72
C LYS A 261 0.34 -26.85 -1.39
N TYR A 262 1.32 -26.30 -2.11
CA TYR A 262 2.75 -26.67 -1.86
C TYR A 262 3.14 -26.39 -0.46
N ILE A 263 2.88 -25.18 0.01
CA ILE A 263 3.14 -24.77 1.40
C ILE A 263 2.53 -25.71 2.45
N CYS A 264 1.24 -26.01 2.20
CA CYS A 264 0.54 -26.89 3.14
C CYS A 264 1.06 -28.33 3.10
N ASP A 265 1.38 -28.82 1.92
CA ASP A 265 1.91 -30.16 1.80
C ASP A 265 3.28 -30.23 2.50
N HIS A 266 3.99 -29.09 2.65
CA HIS A 266 5.35 -29.09 3.24
C HIS A 266 5.35 -28.37 4.59
N GLN A 267 4.17 -28.26 5.19
CA GLN A 267 4.05 -27.46 6.41
C GLN A 267 4.97 -27.88 7.56
N ASP A 268 5.23 -29.18 7.67
CA ASP A 268 6.14 -29.68 8.77
C ASP A 268 7.54 -29.19 8.70
N THR A 269 8.01 -28.82 7.50
CA THR A 269 9.31 -28.21 7.30
C THR A 269 9.35 -26.74 7.12
N LEU A 270 8.24 -26.08 7.25
CA LEU A 270 8.20 -24.66 7.05
C LEU A 270 7.78 -23.92 8.32
N SER A 271 6.58 -24.22 8.91
CA SER A 271 6.20 -23.61 10.19
C SER A 271 5.02 -24.33 10.80
N SER A 272 5.07 -24.44 12.13
CA SER A 272 3.95 -25.07 12.86
C SER A 272 2.70 -24.19 12.78
N LYS A 273 2.84 -22.91 12.44
CA LYS A 273 1.64 -22.05 12.47
CA LYS A 273 1.67 -22.01 12.40
C LYS A 273 0.73 -22.35 11.29
N LEU A 274 1.23 -23.03 10.28
CA LEU A 274 0.43 -23.54 9.16
C LEU A 274 -0.69 -24.53 9.54
N LYS A 275 -0.57 -25.19 10.70
CA LYS A 275 -1.57 -26.13 11.17
C LYS A 275 -2.96 -25.51 11.15
N GLU A 276 -3.10 -24.25 11.56
CA GLU A 276 -4.40 -23.51 11.56
C GLU A 276 -4.96 -23.23 10.19
N CYS A 277 -4.08 -23.18 9.17
CA CYS A 277 -4.43 -22.75 7.81
C CYS A 277 -4.83 -23.89 6.96
N CYS A 278 -4.12 -25.01 7.12
CA CYS A 278 -4.00 -25.94 6.02
C CYS A 278 -5.21 -26.91 5.74
N ASP A 279 -6.23 -26.86 6.60
CA ASP A 279 -7.46 -27.65 6.42
C ASP A 279 -8.64 -26.76 5.98
N LYS A 280 -8.32 -25.53 5.66
CA LYS A 280 -9.31 -24.60 5.18
C LYS A 280 -9.50 -24.74 3.66
N PRO A 281 -10.67 -24.27 3.15
CA PRO A 281 -10.78 -24.11 1.72
C PRO A 281 -9.84 -23.06 1.07
N VAL A 282 -9.64 -23.22 -0.23
CA VAL A 282 -8.52 -22.51 -0.90
C VAL A 282 -8.33 -20.99 -0.53
N LEU A 283 -9.35 -20.18 -0.72
CA LEU A 283 -9.20 -18.74 -0.49
C LEU A 283 -8.88 -18.34 0.99
N GLU A 284 -9.56 -18.94 1.93
CA GLU A 284 -9.29 -18.79 3.32
C GLU A 284 -7.90 -19.39 3.72
N LYS A 285 -7.55 -20.52 3.12
CA LYS A 285 -6.24 -21.16 3.37
C LYS A 285 -5.15 -20.14 2.96
N SER A 286 -5.26 -19.65 1.75
CA SER A 286 -4.27 -18.65 1.20
C SER A 286 -4.16 -17.36 2.06
N HIS A 287 -5.31 -16.83 2.52
CA HIS A 287 -5.36 -15.72 3.40
C HIS A 287 -4.63 -16.02 4.72
N CYS A 288 -4.91 -17.18 5.30
CA CYS A 288 -4.30 -17.63 6.54
C CYS A 288 -2.80 -17.71 6.40
N ILE A 289 -2.38 -18.25 5.27
CA ILE A 289 -0.91 -18.33 5.01
C ILE A 289 -0.30 -16.93 5.00
N ALA A 290 -0.94 -16.03 4.25
CA ALA A 290 -0.53 -14.58 4.16
C ALA A 290 -0.47 -13.90 5.52
N GLU A 291 -1.39 -14.25 6.41
CA GLU A 291 -1.46 -13.64 7.73
C GLU A 291 -0.33 -14.12 8.69
N ILE A 292 0.33 -15.22 8.39
CA ILE A 292 1.39 -15.68 9.29
C ILE A 292 2.45 -14.59 9.32
N ASP A 293 2.89 -14.11 10.48
CA ASP A 293 3.90 -13.02 10.41
C ASP A 293 5.32 -13.54 10.69
N LYS A 294 5.45 -14.47 11.65
CA LYS A 294 6.79 -14.90 12.02
C LYS A 294 6.83 -16.20 12.78
N ASP A 295 8.01 -16.85 12.84
CA ASP A 295 8.20 -18.00 13.73
C ASP A 295 9.34 -17.66 14.66
N ALA A 296 9.58 -18.56 15.62
CA ALA A 296 10.76 -18.44 16.54
C ALA A 296 12.10 -18.62 15.76
N VAL A 297 13.14 -17.97 16.26
CA VAL A 297 14.43 -18.09 15.71
C VAL A 297 14.88 -19.56 15.94
N PRO A 298 15.29 -20.27 14.85
CA PRO A 298 15.83 -21.62 15.01
C PRO A 298 16.99 -21.62 16.00
N GLU A 299 17.05 -22.67 16.80
CA GLU A 299 18.07 -22.76 17.79
C GLU A 299 19.40 -23.14 17.11
N ASN A 300 20.51 -22.83 17.82
CA ASN A 300 21.84 -23.31 17.49
C ASN A 300 22.39 -22.73 16.18
N LEU A 301 21.94 -21.59 15.71
CA LEU A 301 22.53 -21.05 14.50
C LEU A 301 23.91 -20.40 14.70
N PRO A 302 24.82 -20.58 13.73
CA PRO A 302 26.16 -19.89 13.84
C PRO A 302 26.02 -18.40 13.63
N PRO A 303 27.04 -17.60 14.06
CA PRO A 303 27.08 -16.14 13.85
C PRO A 303 27.05 -15.88 12.33
N LEU A 304 26.45 -14.78 11.90
CA LEU A 304 26.55 -14.40 10.49
C LEU A 304 27.93 -14.09 10.02
N THR A 305 28.81 -13.67 10.92
CA THR A 305 30.22 -13.42 10.48
C THR A 305 30.91 -14.61 9.77
N ALA A 306 30.50 -15.82 10.11
CA ALA A 306 31.14 -16.98 9.50
C ALA A 306 31.05 -17.00 8.02
N ASP A 307 29.84 -16.92 7.46
CA ASP A 307 29.69 -16.99 6.00
C ASP A 307 29.97 -15.65 5.25
N PHE A 308 29.80 -14.54 5.96
CA PHE A 308 29.64 -13.22 5.29
C PHE A 308 30.78 -12.30 5.63
N ALA A 309 31.65 -12.71 6.57
CA ALA A 309 32.84 -11.96 6.88
C ALA A 309 34.07 -12.84 6.96
N GLU A 310 34.01 -14.01 7.55
CA GLU A 310 35.28 -14.84 7.67
C GLU A 310 35.69 -15.59 6.40
N ASP A 311 34.70 -16.19 5.73
CA ASP A 311 34.93 -17.02 4.55
C ASP A 311 35.81 -16.35 3.55
N LYS A 312 36.89 -17.03 3.19
CA LYS A 312 37.76 -16.48 2.20
C LYS A 312 37.10 -16.18 0.88
N GLU A 313 36.01 -16.89 0.52
CA GLU A 313 35.36 -16.74 -0.80
C GLU A 313 34.27 -15.69 -0.82
N VAL A 314 34.21 -14.81 0.18
CA VAL A 314 33.12 -13.75 0.21
C VAL A 314 33.19 -12.97 -1.08
N CYS A 315 34.39 -12.45 -1.46
CA CYS A 315 34.53 -11.63 -2.67
C CYS A 315 34.15 -12.38 -3.93
N LYS A 316 34.64 -13.60 -4.07
CA LYS A 316 34.37 -14.54 -5.15
CA LYS A 316 34.37 -14.32 -5.29
C LYS A 316 32.86 -14.71 -5.34
N ASN A 317 32.20 -14.95 -4.21
CA ASN A 317 30.77 -15.27 -4.21
C ASN A 317 30.01 -13.99 -4.61
N TYR A 318 30.37 -12.85 -4.02
CA TYR A 318 29.76 -11.54 -4.36
C TYR A 318 29.93 -11.27 -5.89
N GLN A 319 31.11 -11.59 -6.42
CA GLN A 319 31.49 -11.33 -7.81
C GLN A 319 30.89 -12.29 -8.84
N GLU A 320 30.82 -13.56 -8.49
CA GLU A 320 30.47 -14.67 -9.42
C GLU A 320 29.03 -15.11 -9.31
N ALA A 321 28.45 -15.00 -8.13
CA ALA A 321 27.11 -15.49 -7.88
C ALA A 321 26.36 -14.43 -7.00
N LYS A 322 26.31 -13.19 -7.51
CA LYS A 322 25.92 -12.08 -6.70
C LYS A 322 24.49 -12.22 -6.11
N ASP A 323 23.59 -12.72 -6.94
CA ASP A 323 22.19 -12.79 -6.57
C ASP A 323 21.91 -13.86 -5.57
N VAL A 324 22.52 -15.01 -5.75
CA VAL A 324 22.46 -16.11 -4.79
C VAL A 324 23.04 -15.67 -3.46
N PHE A 325 24.23 -15.05 -3.50
CA PHE A 325 24.86 -14.61 -2.27
C PHE A 325 24.08 -13.55 -1.48
N LEU A 326 23.56 -12.54 -2.18
CA LEU A 326 22.76 -11.54 -1.50
C LEU A 326 21.41 -12.12 -0.96
N GLY A 327 20.83 -13.05 -1.72
CA GLY A 327 19.76 -13.90 -1.25
C GLY A 327 20.04 -14.69 -0.02
N SER A 328 21.20 -15.35 -0.01
CA SER A 328 21.63 -16.07 1.21
C SER A 328 21.80 -15.14 2.41
N PHE A 329 22.43 -13.98 2.17
CA PHE A 329 22.55 -12.94 3.26
C PHE A 329 21.17 -12.62 3.82
N LEU A 330 20.25 -12.24 2.94
CA LEU A 330 18.88 -12.01 3.35
C LEU A 330 18.19 -13.12 4.10
N TYR A 331 18.25 -14.30 3.63
CA TYR A 331 17.73 -15.45 4.32
C TYR A 331 18.32 -15.57 5.72
N GLU A 332 19.68 -15.62 5.77
CA GLU A 332 20.36 -15.83 7.07
C GLU A 332 20.14 -14.67 8.10
N TYR A 333 20.13 -13.42 7.62
CA TYR A 333 19.85 -12.25 8.51
C TYR A 333 18.37 -12.26 9.06
N SER A 334 17.52 -12.45 8.10
CA SER A 334 16.08 -12.45 8.33
C SER A 334 15.63 -13.50 9.28
N ARG A 335 16.11 -14.71 9.10
CA ARG A 335 15.73 -15.88 9.94
C ARG A 335 16.20 -15.70 11.34
N ARG A 336 17.29 -14.93 11.52
CA ARG A 336 17.79 -14.54 12.87
C ARG A 336 17.16 -13.36 13.56
N HIS A 337 16.35 -12.59 12.79
CA HIS A 337 15.73 -11.38 13.30
C HIS A 337 14.30 -11.35 12.70
N PRO A 338 13.53 -12.37 13.01
CA PRO A 338 12.19 -12.47 12.32
C PRO A 338 11.20 -11.34 12.65
N GLU A 339 11.48 -10.58 13.69
CA GLU A 339 10.69 -9.44 14.10
C GLU A 339 11.07 -8.11 13.43
N TYR A 340 12.21 -8.07 12.70
CA TYR A 340 12.68 -6.82 12.10
C TYR A 340 11.72 -6.43 11.00
N ALA A 341 11.63 -5.11 10.69
CA ALA A 341 10.94 -4.66 9.52
C ALA A 341 11.65 -5.16 8.29
N VAL A 342 10.93 -5.63 7.33
CA VAL A 342 11.55 -6.04 6.05
C VAL A 342 12.39 -4.94 5.38
N SER A 343 11.88 -3.71 5.38
CA SER A 343 12.60 -2.59 4.80
C SER A 343 13.99 -2.40 5.50
N VAL A 344 14.05 -2.56 6.82
CA VAL A 344 15.32 -2.47 7.53
C VAL A 344 16.19 -3.62 7.07
N LEU A 345 15.71 -4.85 7.05
CA LEU A 345 16.57 -5.97 6.61
C LEU A 345 17.18 -5.72 5.21
N LEU A 346 16.36 -5.13 4.34
CA LEU A 346 16.82 -4.81 2.98
C LEU A 346 17.86 -3.69 2.95
N ARG A 347 17.68 -2.69 3.84
CA ARG A 347 18.57 -1.57 4.00
C ARG A 347 19.96 -2.17 4.41
N LEU A 348 19.91 -3.15 5.25
CA LEU A 348 21.18 -3.79 5.70
C LEU A 348 21.87 -4.49 4.53
N ALA A 349 21.17 -5.33 3.81
CA ALA A 349 21.70 -6.01 2.58
C ALA A 349 22.29 -5.01 1.61
N LYS A 350 21.57 -3.89 1.39
CA LYS A 350 22.10 -2.88 0.47
C LYS A 350 23.47 -2.32 0.94
N GLU A 351 23.61 -2.10 2.26
CA GLU A 351 24.83 -1.55 2.78
C GLU A 351 25.87 -2.64 2.73
N TYR A 352 25.49 -3.86 3.00
CA TYR A 352 26.46 -5.00 2.90
C TYR A 352 27.04 -5.09 1.48
N GLU A 353 26.16 -5.08 0.47
CA GLU A 353 26.51 -5.07 -0.93
C GLU A 353 27.49 -3.88 -1.24
N ALA A 354 27.19 -2.67 -0.72
CA ALA A 354 27.97 -1.46 -0.99
C ALA A 354 29.37 -1.62 -0.38
N THR A 355 29.35 -2.26 0.78
CA THR A 355 30.65 -2.55 1.52
C THR A 355 31.58 -3.44 0.70
N LEU A 356 31.06 -4.54 0.25
CA LEU A 356 31.74 -5.44 -0.71
C LEU A 356 32.17 -4.85 -2.06
N GLU A 357 31.36 -4.01 -2.66
CA GLU A 357 31.73 -3.31 -3.86
C GLU A 357 32.97 -2.46 -3.59
N ASP A 358 33.03 -1.77 -2.44
CA ASP A 358 34.20 -0.91 -2.10
C ASP A 358 35.42 -1.82 -1.71
N CYS A 359 35.19 -2.76 -0.85
CA CYS A 359 36.30 -3.53 -0.24
C CYS A 359 36.83 -4.61 -1.16
N CYS A 360 36.07 -5.19 -2.03
CA CYS A 360 36.52 -6.27 -2.89
C CYS A 360 37.49 -5.84 -4.04
N ALA A 361 37.57 -4.54 -4.31
CA ALA A 361 38.55 -3.91 -5.14
C ALA A 361 39.93 -3.76 -4.52
N LYS A 362 40.06 -3.96 -3.22
CA LYS A 362 41.31 -3.63 -2.50
C LYS A 362 42.22 -4.81 -2.39
N GLU A 363 43.46 -4.44 -2.11
CA GLU A 363 44.50 -5.48 -1.88
C GLU A 363 44.17 -6.46 -0.78
N ASP A 364 43.57 -5.98 0.33
CA ASP A 364 43.18 -6.84 1.46
C ASP A 364 41.70 -6.59 1.70
N PRO A 365 40.86 -7.25 0.89
CA PRO A 365 39.36 -6.98 1.11
C PRO A 365 38.88 -7.22 2.54
N HIS A 366 39.30 -8.35 3.11
CA HIS A 366 38.81 -8.79 4.41
C HIS A 366 39.18 -7.72 5.44
N ALA A 367 40.36 -7.13 5.31
CA ALA A 367 40.67 -6.03 6.22
C ALA A 367 39.64 -4.89 6.20
N CYS A 368 39.18 -4.63 5.00
CA CYS A 368 38.22 -3.58 4.76
C CYS A 368 36.77 -3.98 5.21
N TYR A 369 36.35 -5.18 5.02
CA TYR A 369 34.91 -5.58 5.39
C TYR A 369 34.76 -6.38 6.67
N ALA A 370 35.87 -6.70 7.40
CA ALA A 370 35.76 -7.52 8.56
C ALA A 370 34.79 -7.09 9.65
N THR A 371 34.57 -5.78 9.77
CA THR A 371 33.73 -5.22 10.80
C THR A 371 32.39 -4.83 10.26
N VAL A 372 32.09 -5.33 9.07
CA VAL A 372 30.79 -4.86 8.44
C VAL A 372 29.53 -5.10 9.35
N PHE A 373 29.47 -6.19 10.10
CA PHE A 373 28.29 -6.47 10.94
C PHE A 373 28.07 -5.49 12.07
N ASP A 374 29.15 -4.94 12.60
CA ASP A 374 29.09 -3.90 13.63
CA ASP A 374 29.17 -3.88 13.59
C ASP A 374 28.50 -2.65 13.00
N LYS A 375 28.84 -2.37 11.74
CA LYS A 375 28.29 -1.15 11.09
C LYS A 375 26.80 -1.40 10.86
N LEU A 376 26.47 -2.64 10.46
CA LEU A 376 25.04 -2.99 10.27
C LEU A 376 24.23 -2.93 11.53
N LYS A 377 24.74 -3.44 12.62
CA LYS A 377 24.00 -3.33 13.89
C LYS A 377 23.78 -1.87 14.27
N HIS A 378 24.75 -1.03 14.02
CA HIS A 378 24.56 0.40 14.26
C HIS A 378 23.49 1.06 13.35
N LEU A 379 23.39 0.55 12.14
CA LEU A 379 22.46 1.08 11.20
C LEU A 379 21.02 0.81 11.70
N VAL A 380 20.83 -0.39 12.24
CA VAL A 380 19.55 -0.76 12.95
C VAL A 380 19.12 0.24 14.07
N ASP A 381 20.09 0.66 14.85
CA ASP A 381 19.81 1.51 15.98
C ASP A 381 19.72 2.97 15.68
N GLU A 382 20.10 3.41 14.46
CA GLU A 382 20.26 4.82 14.13
C GLU A 382 18.99 5.64 14.45
N PRO A 383 17.82 5.10 14.08
CA PRO A 383 16.71 6.00 14.37
C PRO A 383 16.01 5.87 15.74
N GLN A 384 16.54 5.07 16.64
CA GLN A 384 15.86 4.84 17.88
C GLN A 384 15.55 6.14 18.68
N ASN A 385 16.44 7.12 18.73
CA ASN A 385 16.16 8.40 19.46
C ASN A 385 14.96 9.16 18.89
N LEU A 386 14.95 9.30 17.58
CA LEU A 386 13.89 10.05 16.92
C LEU A 386 12.55 9.35 17.04
N ILE A 387 12.56 8.05 16.94
CA ILE A 387 11.31 7.27 17.15
C ILE A 387 10.80 7.43 18.53
N LYS A 388 11.68 7.36 19.50
CA LYS A 388 11.29 7.64 20.89
C LYS A 388 10.70 9.03 21.16
N LYS A 389 11.32 10.03 20.58
CA LYS A 389 10.83 11.40 20.56
C LYS A 389 9.47 11.50 19.92
N ASN A 390 9.26 10.84 18.78
CA ASN A 390 7.92 10.81 18.12
CA ASN A 390 7.93 10.85 18.11
C ASN A 390 6.89 10.17 18.98
N CYS A 391 7.23 9.00 19.55
CA CYS A 391 6.22 8.36 20.42
C CYS A 391 5.93 9.22 21.72
N GLU A 392 6.96 9.88 22.25
CA GLU A 392 6.79 10.84 23.36
C GLU A 392 5.86 12.04 23.00
N LEU A 393 6.04 12.56 21.80
CA LEU A 393 5.16 13.60 21.26
C LEU A 393 3.68 13.11 21.20
N PHE A 394 3.51 11.90 20.64
CA PHE A 394 2.18 11.25 20.52
C PHE A 394 1.53 11.08 21.90
N GLU A 395 2.30 10.65 22.88
CA GLU A 395 1.84 10.43 24.25
C GLU A 395 1.42 11.69 24.96
N LYS A 396 2.16 12.76 24.66
CA LYS A 396 1.96 14.05 25.26
C LYS A 396 0.81 14.85 24.64
N HIS A 397 0.50 14.57 23.37
CA HIS A 397 -0.43 15.40 22.64
C HIS A 397 -1.53 14.64 21.96
N GLY A 398 -1.42 13.31 21.86
CA GLY A 398 -2.47 12.50 21.27
C GLY A 398 -2.42 12.59 19.80
N GLU A 399 -3.24 11.77 19.19
CA GLU A 399 -3.19 11.51 17.75
C GLU A 399 -3.40 12.78 16.94
N TYR A 400 -4.46 13.56 17.21
CA TYR A 400 -4.73 14.76 16.42
C TYR A 400 -3.55 15.78 16.52
N GLY A 401 -3.03 16.01 17.72
CA GLY A 401 -1.89 16.89 17.84
C GLY A 401 -0.60 16.35 17.13
N PHE A 402 -0.42 15.05 17.18
CA PHE A 402 0.66 14.37 16.50
C PHE A 402 0.53 14.48 14.95
N GLN A 403 -0.70 14.33 14.41
CA GLN A 403 -0.95 14.61 13.04
C GLN A 403 -0.58 16.08 12.65
N ASN A 404 -0.91 17.02 13.54
CA ASN A 404 -0.65 18.46 13.33
C ASN A 404 0.82 18.74 13.28
N ALA A 405 1.56 18.06 14.17
CA ALA A 405 3.01 18.23 14.19
C ALA A 405 3.63 17.65 12.87
N LEU A 406 3.04 16.57 12.37
CA LEU A 406 3.48 15.98 11.12
C LEU A 406 3.12 16.78 9.86
N ILE A 407 1.92 17.40 9.88
CA ILE A 407 1.56 18.33 8.84
C ILE A 407 2.66 19.39 8.68
N VAL A 408 3.04 19.97 9.83
CA VAL A 408 4.12 20.98 9.77
C VAL A 408 5.38 20.42 9.21
N ARG A 409 5.80 19.32 9.78
CA ARG A 409 7.10 18.74 9.38
CA ARG A 409 7.10 18.82 9.35
C ARG A 409 7.12 18.44 7.88
N TYR A 410 6.06 17.79 7.41
CA TYR A 410 5.94 17.30 5.99
C TYR A 410 5.65 18.39 4.95
N THR A 411 4.83 19.37 5.33
CA THR A 411 4.62 20.52 4.49
C THR A 411 5.90 21.31 4.26
N ARG A 412 6.73 21.42 5.33
CA ARG A 412 8.01 22.14 5.17
C ARG A 412 8.87 21.42 4.16
N LYS A 413 8.85 20.09 4.27
CA LYS A 413 9.65 19.26 3.34
C LYS A 413 9.22 19.30 1.89
N ALA A 414 7.89 19.45 1.68
CA ALA A 414 7.28 19.22 0.37
C ALA A 414 6.07 20.15 0.20
N PRO A 415 6.34 21.47 0.19
CA PRO A 415 5.27 22.47 0.14
C PRO A 415 4.53 22.59 -1.16
N GLN A 416 5.11 22.00 -2.23
CA GLN A 416 4.52 21.94 -3.54
C GLN A 416 3.40 20.93 -3.64
N VAL A 417 3.40 19.96 -2.72
CA VAL A 417 2.46 18.81 -2.82
C VAL A 417 1.04 19.34 -2.51
N SER A 418 0.06 18.73 -3.13
CA SER A 418 -1.31 19.31 -2.94
C SER A 418 -1.76 19.27 -1.52
N THR A 419 -2.65 20.19 -1.14
CA THR A 419 -3.09 20.21 0.25
C THR A 419 -3.87 18.92 0.64
N PRO A 420 -4.80 18.43 -0.24
CA PRO A 420 -5.44 17.19 0.15
C PRO A 420 -4.46 15.99 0.37
N THR A 421 -3.40 15.93 -0.45
CA THR A 421 -2.44 14.84 -0.33
C THR A 421 -1.61 15.01 0.95
N LEU A 422 -1.21 16.24 1.27
CA LEU A 422 -0.45 16.54 2.52
C LEU A 422 -1.30 16.19 3.75
N VAL A 423 -2.59 16.48 3.66
CA VAL A 423 -3.47 16.18 4.77
C VAL A 423 -3.65 14.66 4.89
N GLU A 424 -3.95 13.98 3.81
CA GLU A 424 -4.15 12.51 3.78
C GLU A 424 -2.94 11.84 4.43
N ILE A 425 -1.78 12.19 3.90
CA ILE A 425 -0.54 11.52 4.29
C ILE A 425 -0.22 11.81 5.74
N SER A 426 -0.30 13.07 6.14
CA SER A 426 -0.04 13.47 7.56
C SER A 426 -0.99 12.83 8.52
N ARG A 427 -2.31 12.72 8.18
CA ARG A 427 -3.20 11.99 9.05
C ARG A 427 -2.84 10.52 9.17
N SER A 428 -2.45 9.89 8.05
CA SER A 428 -2.03 8.49 8.07
C SER A 428 -0.74 8.35 8.97
N LEU A 429 0.21 9.27 8.79
CA LEU A 429 1.43 9.22 9.64
C LEU A 429 1.10 9.31 11.14
N GLY A 430 0.19 10.21 11.51
CA GLY A 430 -0.22 10.36 12.89
C GLY A 430 -0.87 9.08 13.48
N LYS A 431 -1.62 8.35 12.66
CA LYS A 431 -2.20 7.03 13.03
C LYS A 431 -1.10 5.96 13.37
N VAL A 432 0.07 6.16 12.83
CA VAL A 432 1.23 5.31 13.24
C VAL A 432 1.51 5.37 14.75
N GLY A 433 1.34 6.53 15.34
CA GLY A 433 1.43 6.67 16.75
C GLY A 433 0.52 5.74 17.51
N THR A 434 -0.73 5.80 17.18
CA THR A 434 -1.67 4.90 17.79
C THR A 434 -1.32 3.45 17.53
N LYS A 435 -0.97 3.07 16.32
CA LYS A 435 -0.73 1.63 15.98
C LYS A 435 0.57 1.10 16.58
N CYS A 436 1.56 1.95 16.75
CA CYS A 436 2.89 1.41 17.13
C CYS A 436 3.42 1.81 18.55
N CYS A 437 3.02 2.96 19.10
CA CYS A 437 3.76 3.52 20.24
C CYS A 437 3.58 2.79 21.59
N ALA A 438 2.56 1.95 21.67
CA ALA A 438 2.34 1.14 22.86
C ALA A 438 2.71 -0.28 22.61
N LYS A 439 3.36 -0.59 21.47
CA LYS A 439 3.99 -1.88 21.27
C LYS A 439 5.09 -2.03 22.32
N PRO A 440 5.57 -3.28 22.56
CA PRO A 440 6.80 -3.38 23.36
C PRO A 440 7.89 -2.50 22.80
N GLU A 441 8.58 -1.80 23.70
CA GLU A 441 9.72 -0.88 23.41
C GLU A 441 10.55 -1.39 22.21
N SER A 442 10.97 -2.61 22.32
CA SER A 442 11.78 -3.24 21.30
C SER A 442 11.04 -3.55 20.00
N GLU A 443 9.69 -3.59 19.96
CA GLU A 443 8.91 -3.80 18.71
C GLU A 443 8.48 -2.49 18.04
N ARG A 444 8.74 -1.35 18.69
CA ARG A 444 8.32 -0.08 18.12
C ARG A 444 8.97 0.27 16.81
N MET A 445 10.30 0.18 16.75
CA MET A 445 11.00 0.48 15.51
C MET A 445 10.51 -0.36 14.26
N PRO A 446 10.38 -1.68 14.41
CA PRO A 446 9.96 -2.40 13.24
C PRO A 446 8.53 -1.99 12.87
N CYS A 447 7.72 -1.69 13.91
CA CYS A 447 6.32 -1.28 13.61
C CYS A 447 6.27 0.02 12.80
N THR A 448 7.07 1.01 13.21
CA THR A 448 7.03 2.32 12.61
C THR A 448 7.67 2.23 11.21
N GLU A 449 8.81 1.49 11.05
CA GLU A 449 9.39 1.33 9.69
C GLU A 449 8.45 0.69 8.66
N ASP A 450 7.73 -0.30 9.14
CA ASP A 450 6.76 -1.01 8.27
CA ASP A 450 6.74 -1.00 8.31
C ASP A 450 5.66 -0.08 7.75
N TYR A 451 5.03 0.66 8.67
CA TYR A 451 3.89 1.52 8.26
C TYR A 451 4.40 2.69 7.45
N LEU A 452 5.55 3.24 7.86
CA LEU A 452 6.15 4.34 7.07
C LEU A 452 6.40 3.91 5.66
N SER A 453 6.90 2.68 5.45
CA SER A 453 7.06 2.18 4.10
CA SER A 453 7.07 2.11 4.10
C SER A 453 5.79 2.19 3.26
N LEU A 454 4.70 1.79 3.85
CA LEU A 454 3.42 1.81 3.21
C LEU A 454 2.87 3.20 2.90
N ILE A 455 2.95 4.11 3.86
CA ILE A 455 2.47 5.49 3.76
C ILE A 455 3.30 6.28 2.78
N LEU A 456 4.63 6.15 2.90
CA LEU A 456 5.46 6.84 1.93
C LEU A 456 5.26 6.31 0.51
N ASN A 457 4.95 5.02 0.36
CA ASN A 457 4.71 4.50 -0.99
C ASN A 457 3.38 5.15 -1.53
N ARG A 458 2.40 5.31 -0.68
CA ARG A 458 1.18 6.06 -1.07
C ARG A 458 1.56 7.47 -1.56
N LEU A 459 2.36 8.17 -0.78
CA LEU A 459 2.85 9.50 -1.20
C LEU A 459 3.45 9.44 -2.58
N CYS A 460 4.41 8.51 -2.77
CA CYS A 460 5.07 8.36 -4.00
C CYS A 460 4.24 7.98 -5.23
N VAL A 461 3.23 7.13 -5.03
CA VAL A 461 2.23 6.83 -6.02
C VAL A 461 1.44 8.05 -6.41
N LEU A 462 1.04 8.87 -5.40
CA LEU A 462 0.26 10.12 -5.68
C LEU A 462 1.16 11.11 -6.40
N HIS A 463 2.44 11.09 -6.04
CA HIS A 463 3.40 12.05 -6.64
C HIS A 463 3.69 11.71 -8.12
N GLU A 464 3.77 10.42 -8.44
CA GLU A 464 3.99 9.92 -9.80
C GLU A 464 2.89 10.41 -10.70
N LYS A 465 1.67 10.42 -10.15
CA LYS A 465 0.48 10.85 -10.91
C LYS A 465 0.59 12.33 -11.30
N THR A 466 1.05 13.16 -10.38
CA THR A 466 1.30 14.59 -10.72
C THR A 466 2.50 15.11 -9.96
N PRO A 467 3.68 14.99 -10.59
CA PRO A 467 4.93 15.40 -9.90
C PRO A 467 5.01 16.92 -9.80
N VAL A 468 5.38 17.35 -8.62
CA VAL A 468 5.50 18.72 -8.23
C VAL A 468 6.75 19.14 -7.42
N SER A 469 7.43 18.20 -6.80
CA SER A 469 8.60 18.47 -5.95
C SER A 469 9.74 17.58 -6.36
N GLU A 470 10.84 18.24 -6.77
CA GLU A 470 12.07 17.54 -7.10
C GLU A 470 12.56 16.69 -5.90
N LYS A 471 12.44 17.21 -4.68
CA LYS A 471 12.91 16.47 -3.50
C LYS A 471 12.08 15.20 -3.26
N VAL A 472 10.76 15.27 -3.46
CA VAL A 472 9.93 14.06 -3.33
C VAL A 472 10.22 13.07 -4.46
N THR A 473 10.39 13.54 -5.69
CA THR A 473 10.90 12.71 -6.77
C THR A 473 12.19 11.99 -6.34
N LYS A 474 13.13 12.77 -5.86
CA LYS A 474 14.41 12.16 -5.49
C LYS A 474 14.22 11.09 -4.45
N CYS A 475 13.53 11.42 -3.34
CA CYS A 475 13.40 10.36 -2.33
C CYS A 475 12.63 9.16 -2.74
N CYS A 476 11.62 9.35 -3.58
CA CYS A 476 10.80 8.27 -4.06
C CYS A 476 11.51 7.33 -4.97
N THR A 477 12.46 7.83 -5.75
CA THR A 477 13.06 7.07 -6.85
C THR A 477 14.51 6.58 -6.53
N GLU A 478 15.16 7.21 -5.56
CA GLU A 478 16.63 6.86 -5.32
C GLU A 478 16.80 5.43 -4.86
N SER A 479 15.87 4.97 -4.01
CA SER A 479 15.85 3.65 -3.44
C SER A 479 14.57 3.43 -2.73
N LEU A 480 13.92 2.32 -3.04
CA LEU A 480 12.69 1.97 -2.40
C LEU A 480 12.86 1.77 -0.87
N VAL A 481 13.88 1.04 -0.44
CA VAL A 481 13.93 0.69 0.98
C VAL A 481 14.47 1.77 1.87
N ASN A 482 15.21 2.74 1.28
CA ASN A 482 15.63 3.90 2.04
C ASN A 482 14.77 5.10 1.89
N ARG A 483 13.55 4.87 1.38
CA ARG A 483 12.60 6.05 1.39
C ARG A 483 12.37 6.72 2.75
N ARG A 484 12.19 5.93 3.80
CA ARG A 484 11.92 6.51 5.12
C ARG A 484 13.17 7.41 5.57
N PRO A 485 14.41 6.82 5.63
CA PRO A 485 15.56 7.69 5.89
C PRO A 485 15.65 8.94 5.01
N CYS A 486 15.38 8.78 3.71
CA CYS A 486 15.41 9.90 2.80
C CYS A 486 14.47 11.04 3.12
N PHE A 487 13.21 10.64 3.33
CA PHE A 487 12.26 11.59 3.74
C PHE A 487 12.48 12.20 5.09
N SER A 488 12.89 11.38 6.09
CA SER A 488 13.25 11.92 7.40
C SER A 488 14.38 12.97 7.31
N ASP A 489 15.34 12.70 6.41
CA ASP A 489 16.48 13.61 6.25
C ASP A 489 16.19 14.96 5.56
N LEU A 490 15.09 15.04 4.85
CA LEU A 490 14.75 16.23 4.11
C LEU A 490 14.51 17.33 5.09
N THR A 491 14.87 18.58 4.71
CA THR A 491 14.71 19.71 5.60
C THR A 491 13.76 20.65 4.86
N LEU A 492 13.64 21.87 5.36
CA LEU A 492 12.73 22.83 4.79
C LEU A 492 13.15 23.07 3.32
N ASP A 493 12.23 23.03 2.39
CA ASP A 493 12.50 23.15 0.96
C ASP A 493 12.61 24.65 0.56
N GLU A 494 13.82 25.15 0.48
CA GLU A 494 14.09 26.58 0.15
C GLU A 494 13.99 26.88 -1.35
N THR A 495 13.72 25.88 -2.14
CA THR A 495 13.47 26.02 -3.57
CA THR A 495 13.52 26.13 -3.54
C THR A 495 12.08 26.63 -3.76
N TYR A 496 11.21 26.37 -2.80
CA TYR A 496 9.80 26.75 -2.97
C TYR A 496 9.64 28.27 -2.91
N VAL A 497 8.76 28.80 -3.74
CA VAL A 497 8.44 30.21 -3.76
C VAL A 497 6.96 30.34 -3.44
N PRO A 498 6.65 30.92 -2.27
CA PRO A 498 5.26 31.03 -1.85
C PRO A 498 4.53 32.12 -2.61
N LYS A 499 3.27 31.88 -2.96
CA LYS A 499 2.43 32.96 -3.46
C LYS A 499 2.04 33.81 -2.25
N PRO A 500 1.84 35.12 -2.48
CA PRO A 500 1.49 36.01 -1.37
C PRO A 500 0.13 35.64 -0.74
N PHE A 501 -0.15 36.23 0.42
CA PHE A 501 -1.45 36.05 1.09
C PHE A 501 -2.44 36.87 0.32
N ASP A 502 -3.59 36.28 0.03
CA ASP A 502 -4.63 36.94 -0.77
C ASP A 502 -5.37 37.85 0.23
N GLY A 503 -4.64 38.88 0.69
CA GLY A 503 -4.92 39.61 1.94
C GLY A 503 -6.24 40.32 1.93
N GLU A 504 -6.58 40.87 0.77
CA GLU A 504 -7.93 41.39 0.49
C GLU A 504 -9.00 40.26 0.40
N SER A 505 -8.66 39.10 -0.16
CA SER A 505 -9.58 37.91 -0.20
C SER A 505 -9.61 37.02 1.06
N PHE A 506 -10.61 37.23 1.91
CA PHE A 506 -10.84 36.34 3.07
C PHE A 506 -11.76 35.17 2.68
N THR A 507 -11.31 33.93 3.00
CA THR A 507 -11.85 32.70 2.37
C THR A 507 -12.62 31.69 3.27
N PHE A 508 -12.99 32.07 4.50
CA PHE A 508 -13.74 31.16 5.43
C PHE A 508 -15.14 31.70 5.79
N HIS A 509 -16.10 30.79 5.91
CA HIS A 509 -17.58 31.12 5.94
C HIS A 509 -18.40 30.18 6.85
N ALA A 510 -19.66 30.53 7.12
CA ALA A 510 -20.46 29.82 8.16
C ALA A 510 -20.80 28.34 7.91
N ASP A 511 -20.63 27.87 6.69
CA ASP A 511 -20.86 26.43 6.37
C ASP A 511 -19.85 25.48 7.02
N ILE A 512 -18.76 26.02 7.54
CA ILE A 512 -17.92 25.27 8.44
C ILE A 512 -18.68 24.87 9.72
N CYS A 513 -19.65 25.69 10.14
CA CYS A 513 -20.26 25.50 11.47
C CYS A 513 -21.07 24.24 11.58
N THR A 514 -21.57 23.78 10.46
CA THR A 514 -22.48 22.65 10.43
C THR A 514 -21.75 21.37 10.08
N LEU A 515 -20.44 21.41 9.92
CA LEU A 515 -19.72 20.19 9.56
C LEU A 515 -19.74 19.16 10.70
N PRO A 516 -19.78 17.85 10.34
CA PRO A 516 -19.49 16.81 11.33
C PRO A 516 -18.14 17.05 11.99
N ASP A 517 -17.97 16.56 13.21
CA ASP A 517 -16.79 16.96 14.00
C ASP A 517 -15.44 16.59 13.43
N THR A 518 -15.36 15.43 12.80
CA THR A 518 -14.14 15.00 12.14
C THR A 518 -13.83 15.86 10.91
N GLU A 519 -14.87 16.38 10.26
CA GLU A 519 -14.66 17.27 9.11
C GLU A 519 -14.18 18.65 9.52
N LYS A 520 -14.66 19.08 10.68
CA LYS A 520 -14.17 20.31 11.32
C LYS A 520 -12.64 20.18 11.63
N GLN A 521 -12.24 19.00 12.12
CA GLN A 521 -10.82 18.69 12.41
CA GLN A 521 -10.82 18.76 12.42
C GLN A 521 -10.00 18.77 11.11
N ILE A 522 -10.49 18.16 10.05
CA ILE A 522 -9.81 18.21 8.74
C ILE A 522 -9.71 19.64 8.16
N LYS A 523 -10.80 20.38 8.28
CA LYS A 523 -10.80 21.78 7.88
C LYS A 523 -9.66 22.61 8.55
N LYS A 524 -9.42 22.34 9.84
CA LYS A 524 -8.37 23.03 10.60
C LYS A 524 -7.00 22.59 10.08
N GLN A 525 -6.88 21.31 9.71
CA GLN A 525 -5.59 20.74 9.14
C GLN A 525 -5.31 21.29 7.73
N THR A 526 -6.37 21.44 6.92
CA THR A 526 -6.27 22.11 5.67
C THR A 526 -5.81 23.57 5.79
N ALA A 527 -6.36 24.30 6.75
CA ALA A 527 -5.97 25.67 7.05
C ALA A 527 -4.52 25.80 7.43
N LEU A 528 -4.07 24.90 8.30
CA LEU A 528 -2.64 24.81 8.66
C LEU A 528 -1.70 24.66 7.46
N VAL A 529 -1.99 23.73 6.56
CA VAL A 529 -1.21 23.54 5.31
C VAL A 529 -1.18 24.84 4.49
N GLU A 530 -2.32 25.42 4.24
CA GLU A 530 -2.35 26.70 3.52
C GLU A 530 -1.59 27.84 4.18
N LEU A 531 -1.65 27.89 5.52
CA LEU A 531 -0.86 28.88 6.24
C LEU A 531 0.65 28.65 5.98
N LEU A 532 1.08 27.40 5.98
CA LEU A 532 2.47 27.05 5.66
C LEU A 532 2.86 27.28 4.24
N LYS A 533 1.92 27.15 3.34
CA LYS A 533 2.19 27.46 1.91
C LYS A 533 2.37 28.97 1.63
N HIS A 534 1.71 29.81 2.42
CA HIS A 534 1.94 31.26 2.32
C HIS A 534 3.17 31.79 3.10
N LYS A 535 3.51 31.16 4.24
CA LYS A 535 4.58 31.62 5.09
C LYS A 535 5.37 30.39 5.43
N PRO A 536 6.12 29.85 4.42
CA PRO A 536 6.77 28.53 4.61
C PRO A 536 7.87 28.56 5.64
N LYS A 537 8.36 29.73 5.98
CA LYS A 537 9.42 29.85 7.02
C LYS A 537 8.87 30.16 8.42
N ALA A 538 7.51 30.12 8.58
CA ALA A 538 6.98 30.47 9.93
C ALA A 538 7.47 29.50 11.01
N THR A 539 7.67 29.99 12.20
CA THR A 539 8.07 29.16 13.29
C THR A 539 6.94 28.35 13.88
N ASP A 540 7.32 27.33 14.66
CA ASP A 540 6.29 26.52 15.32
C ASP A 540 5.41 27.40 16.19
N GLU A 541 6.00 28.32 16.98
CA GLU A 541 5.24 29.21 17.92
C GLU A 541 4.34 30.10 17.08
N GLN A 542 4.79 30.61 15.94
CA GLN A 542 3.89 31.44 15.08
C GLN A 542 2.71 30.65 14.60
N LEU A 543 2.91 29.46 14.05
CA LEU A 543 1.83 28.67 13.54
C LEU A 543 0.87 28.34 14.61
N LYS A 544 1.36 28.05 15.81
CA LYS A 544 0.45 27.83 16.97
C LYS A 544 -0.38 29.02 17.32
N THR A 545 0.25 30.18 17.30
CA THR A 545 -0.49 31.40 17.63
C THR A 545 -1.63 31.66 16.64
N VAL A 546 -1.29 31.60 15.37
CA VAL A 546 -2.25 31.88 14.32
C VAL A 546 -3.35 30.82 14.35
N MET A 547 -2.97 29.53 14.49
CA MET A 547 -4.01 28.49 14.53
C MET A 547 -4.95 28.67 15.72
N GLU A 548 -4.41 29.16 16.84
CA GLU A 548 -5.23 29.43 18.05
C GLU A 548 -6.21 30.52 17.81
N ASN A 549 -5.73 31.60 17.20
CA ASN A 549 -6.56 32.71 16.73
C ASN A 549 -7.65 32.16 15.81
N PHE A 550 -7.26 31.32 14.83
CA PHE A 550 -8.21 30.82 13.84
C PHE A 550 -9.31 30.07 14.49
N VAL A 551 -8.96 29.17 15.39
CA VAL A 551 -10.01 28.33 16.02
C VAL A 551 -10.93 29.17 16.95
N ALA A 552 -10.39 30.16 17.70
CA ALA A 552 -11.24 31.06 18.49
C ALA A 552 -12.20 31.88 17.61
N PHE A 553 -11.73 32.31 16.43
CA PHE A 553 -12.56 33.08 15.50
C PHE A 553 -13.74 32.18 14.99
N VAL A 554 -13.43 30.94 14.58
CA VAL A 554 -14.45 29.95 14.16
C VAL A 554 -15.44 29.63 15.26
N ASP A 555 -14.96 29.43 16.49
CA ASP A 555 -15.87 29.16 17.63
C ASP A 555 -16.74 30.34 17.98
N LYS A 556 -16.12 31.51 17.97
CA LYS A 556 -16.84 32.76 18.30
C LYS A 556 -17.95 32.97 17.24
N CYS A 557 -17.61 32.88 15.96
CA CYS A 557 -18.59 33.17 14.93
C CYS A 557 -19.62 32.05 14.71
N CYS A 558 -19.26 30.81 14.98
CA CYS A 558 -20.22 29.73 14.83
C CYS A 558 -21.24 29.73 15.94
N ALA A 559 -20.92 30.41 17.04
CA ALA A 559 -21.83 30.56 18.14
C ALA A 559 -22.65 31.85 18.08
N ALA A 560 -22.34 32.75 17.16
CA ALA A 560 -23.03 34.03 17.00
C ALA A 560 -24.46 33.85 16.48
N ASP A 561 -25.26 34.90 16.60
CA ASP A 561 -26.64 34.90 16.10
C ASP A 561 -26.57 34.97 14.57
N ASP A 562 -25.91 36.03 14.09
CA ASP A 562 -25.54 36.15 12.67
C ASP A 562 -24.17 35.57 12.39
N LYS A 563 -24.16 34.35 11.86
CA LYS A 563 -22.86 33.62 11.78
C LYS A 563 -22.02 34.14 10.60
N GLU A 564 -22.54 34.10 9.39
CA GLU A 564 -21.83 34.67 8.25
C GLU A 564 -21.46 36.16 8.45
N GLY A 565 -22.31 36.89 9.17
CA GLY A 565 -22.06 38.31 9.46
C GLY A 565 -20.80 38.47 10.30
N CYS A 566 -20.65 37.58 11.28
CA CYS A 566 -19.48 37.56 12.18
C CYS A 566 -18.22 37.23 11.40
N PHE A 567 -18.32 36.30 10.42
CA PHE A 567 -17.15 35.87 9.67
C PHE A 567 -16.68 37.06 8.84
N LEU A 568 -17.63 37.70 8.18
CA LEU A 568 -17.33 38.88 7.38
C LEU A 568 -16.73 40.05 8.10
N LEU A 569 -17.26 40.35 9.27
CA LEU A 569 -16.78 41.45 10.06
C LEU A 569 -15.39 41.12 10.66
N GLU A 570 -15.36 40.06 11.43
CA GLU A 570 -14.16 39.65 12.18
C GLU A 570 -13.09 38.98 11.33
N GLY A 571 -13.39 38.61 10.08
CA GLY A 571 -12.41 37.91 9.23
C GLY A 571 -11.17 38.74 8.90
N PRO A 572 -11.40 39.94 8.37
CA PRO A 572 -10.38 41.00 8.33
C PRO A 572 -9.57 41.23 9.62
N LYS A 573 -10.18 41.10 10.80
CA LYS A 573 -9.49 41.22 12.07
C LYS A 573 -8.49 40.06 12.25
N LEU A 574 -8.91 38.88 11.84
CA LEU A 574 -8.09 37.68 11.86
C LEU A 574 -6.83 37.87 10.99
N VAL A 575 -7.05 38.23 9.73
CA VAL A 575 -5.91 38.51 8.81
C VAL A 575 -4.92 39.51 9.45
N ALA A 576 -5.44 40.54 10.10
CA ALA A 576 -4.57 41.51 10.79
C ALA A 576 -3.76 40.95 11.96
N SER A 577 -4.42 40.15 12.81
CA SER A 577 -3.74 39.48 13.87
C SER A 577 -2.70 38.57 13.23
N THR A 578 -3.06 37.86 12.16
CA THR A 578 -2.14 36.92 11.57
C THR A 578 -0.90 37.61 11.10
N GLN A 579 -1.06 38.74 10.43
CA GLN A 579 0.12 39.47 9.92
C GLN A 579 1.04 39.93 10.98
N ALA A 580 0.52 40.55 12.00
CA ALA A 580 1.31 40.98 13.10
C ALA A 580 2.06 39.76 13.68
N ALA A 581 1.38 38.64 13.79
CA ALA A 581 1.96 37.42 14.36
C ALA A 581 3.12 36.81 13.50
N LEU A 582 3.02 36.89 12.18
CA LEU A 582 3.98 36.25 11.27
C LEU A 582 5.20 37.11 10.85
N ALA A 583 5.21 38.33 11.39
CA ALA A 583 6.42 39.19 11.34
C ALA A 583 7.58 38.58 12.14
C1 DIF B . 5.74 7.77 13.59
C2 DIF B . 7.15 7.92 13.56
CL2 DIF B . 8.13 7.10 14.76
C3 DIF B . 7.76 8.69 12.56
C4 DIF B . 6.91 9.30 11.62
CL4 DIF B . 7.57 10.33 10.39
C5 DIF B . 5.52 9.19 11.69
C6 DIF B . 4.95 8.42 12.68
N1 DIF B . 9.17 8.70 12.38
C7 DIF B . 11.34 7.72 12.23
C8 DIF B . 9.92 7.60 12.08
C9 DIF B . 9.39 6.40 11.67
C10 DIF B . 10.22 5.28 11.46
C11 DIF B . 11.58 5.37 11.71
C12 DIF B . 12.12 6.55 12.08
C13 DIF B . 11.94 9.00 12.76
C14 DIF B . 12.11 10.10 11.80
O1 DIF B . 13.19 10.73 11.87
O2 DIF B . 11.16 10.43 11.00
C1 DIF C . 1.20 21.16 16.33
C2 DIF C . 0.02 21.78 16.81
CL2 DIF C . -1.00 21.05 18.02
C3 DIF C . -0.47 22.95 16.27
C4 DIF C . 0.24 23.58 15.24
CL4 DIF C . -0.38 25.11 14.54
C5 DIF C . 1.41 22.99 14.73
C6 DIF C . 1.89 21.79 15.28
N1 DIF C . -1.74 23.31 16.67
C7 DIF C . -4.11 23.74 16.50
C8 DIF C . -2.88 23.40 15.87
C9 DIF C . -2.93 23.10 14.51
C10 DIF C . -4.14 23.24 13.77
C11 DIF C . -5.29 23.65 14.42
C12 DIF C . -5.30 23.90 15.77
C13 DIF C . -4.21 23.99 17.99
C14 DIF C . -4.03 25.45 18.19
O1 DIF C . -2.86 25.90 18.41
O2 DIF C . -5.07 26.18 18.13
C1 DIF D . -20.60 -11.12 -11.51
C2 DIF D . -21.85 -11.50 -10.98
CL2 DIF D . -22.35 -10.86 -9.38
C3 DIF D . -22.70 -12.41 -11.69
C4 DIF D . -22.27 -12.86 -12.96
CL4 DIF D . -23.30 -13.96 -13.92
C5 DIF D . -21.01 -12.46 -13.48
C6 DIF D . -20.19 -11.59 -12.76
N1 DIF D . -24.05 -12.55 -11.29
C7 DIF D . -26.32 -11.74 -10.95
C8 DIF D . -24.97 -11.49 -11.35
C9 DIF D . -24.62 -10.21 -11.78
C10 DIF D . -25.53 -9.18 -11.79
C11 DIF D . -26.84 -9.40 -11.38
C12 DIF D . -27.22 -10.67 -10.95
C13 DIF D . -26.81 -13.12 -10.41
C14 DIF D . -26.87 -14.28 -11.43
O1 DIF D . -26.09 -14.29 -12.40
O2 DIF D . -27.66 -15.24 -11.22
C1 DIF E . -20.00 -1.64 0.62
C2 DIF E . -18.67 -1.26 0.61
CL2 DIF E . -17.58 -2.16 -0.42
C3 DIF E . -18.17 -0.24 1.39
C4 DIF E . -19.08 0.42 2.19
CL4 DIF E . -18.56 1.71 3.23
C5 DIF E . -20.43 0.09 2.21
C6 DIF E . -20.90 -0.95 1.42
N1 DIF E . -16.77 -0.08 1.53
C7 DIF E . -14.49 -0.95 1.89
C8 DIF E . -15.92 -1.05 2.10
C9 DIF E . -16.40 -2.15 2.79
C10 DIF E . -15.56 -3.12 3.27
C11 DIF E . -14.19 -3.02 3.09
C12 DIF E . -13.66 -1.93 2.41
C13 DIF E . -13.86 0.21 1.15
C14 DIF E . -14.05 1.53 1.88
O1 DIF E . -13.41 2.51 1.54
O2 DIF E . -14.89 1.62 2.76
C1 DIF F . 17.82 -11.43 -5.77
C2 DIF F . 17.40 -12.62 -6.37
CL2 DIF F . 17.48 -12.77 -8.14
C3 DIF F . 16.91 -13.71 -5.60
C4 DIF F . 16.87 -13.56 -4.18
CL4 DIF F . 16.26 -14.92 -3.14
C5 DIF F . 17.32 -12.34 -3.58
C6 DIF F . 17.80 -11.30 -4.37
N1 DIF F . 16.65 -14.92 -6.21
C7 DIF F . 16.51 -17.31 -6.21
C8 DIF F . 17.24 -16.12 -5.94
C9 DIF F . 18.51 -16.20 -5.33
C10 DIF F . 19.00 -17.48 -4.97
C11 DIF F . 18.28 -18.63 -5.20
C12 DIF F . 17.03 -18.56 -5.80
C13 DIF F . 15.06 -17.29 -6.73
C14 DIF F . 14.82 -16.80 -8.15
O1 DIF F . 15.63 -15.98 -8.62
O2 DIF F . 13.76 -17.20 -8.76
C1 DIF G . -5.46 32.18 9.62
C2 DIF G . -5.64 32.87 8.40
CL2 DIF G . -5.99 34.64 8.46
C3 DIF G . -5.51 32.21 7.15
C4 DIF G . -5.25 30.83 7.15
CL4 DIF G . -5.12 30.00 5.59
C5 DIF G . -5.11 30.11 8.36
C6 DIF G . -5.19 30.80 9.60
N1 DIF G . -5.51 32.83 5.87
C7 DIF G . -5.49 34.67 4.26
C8 DIF G . -5.04 34.10 5.50
C9 DIF G . -4.20 34.92 6.33
C10 DIF G . -3.89 36.25 5.97
C11 DIF G . -4.37 36.78 4.78
C12 DIF G . -5.16 36.00 3.93
C13 DIF G . -6.38 33.88 3.30
C14 DIF G . -7.68 33.54 4.04
O1 DIF G . -8.02 32.33 4.10
O2 DIF G . -8.32 34.47 4.62
CL CL H . 0.08 -14.60 -0.79
#